data_7AW8
#
_entry.id   7AW8
#
_cell.length_a   37.219
_cell.length_b   37.219
_cell.length_c   290.266
_cell.angle_alpha   90.000
_cell.angle_beta   90.000
_cell.angle_gamma   120.000
#
_symmetry.space_group_name_H-M   'P 31 2 1'
#
loop_
_entity.id
_entity.type
_entity.pdbx_description
1 polymer 'Alpha actinin, actin binding domain'
2 non-polymer 'ACETIC ACID'
3 non-polymer 'FORMIC ACID'
4 water water
#
_entity_poly.entity_id   1
_entity_poly.type   'polypeptide(L)'
_entity_poly.pdbx_seq_one_letter_code
;MTTVDGTANGNGAVPSTDYANGFNQNNGTSNVIDGNYMEQEEEWERAGLLDPAWEKQQRKTFTVWCNSHLRKADTQIENI
EEDFRNGLKLMLLLEVISGETLPKPDRGKMRFHKIANVNKALDFIASKDVKLVSIGAEEIVDGNAKMTLGLIWTIILRFA
IQDIEVEASTAKEGLLLWCQRKTSPYKNVNVHNFHNSWKDGLAFCALIHRHRPELIDYNSLTREDPVRNLNLAFDVAEKH
LNIPKMLDAEDIKTSLKPDERAIMTYISSYYHTFANAQQA
;
_entity_poly.pdbx_strand_id   A
#
loop_
_chem_comp.id
_chem_comp.type
_chem_comp.name
_chem_comp.formula
ACY non-polymer 'ACETIC ACID' 'C2 H4 O2'
FMT non-polymer 'FORMIC ACID' 'C H2 O2'
#
# COMPACT_ATOMS: atom_id res chain seq x y z
N TYR A 37 -19.99 20.58 -4.79
CA TYR A 37 -21.00 19.65 -4.26
C TYR A 37 -20.61 18.21 -4.63
N MET A 38 -20.63 17.33 -3.64
CA MET A 38 -20.24 15.93 -3.81
C MET A 38 -18.84 15.80 -4.41
N GLU A 39 -18.00 16.82 -4.19
CA GLU A 39 -16.60 16.71 -4.57
C GLU A 39 -15.95 15.52 -3.90
N GLN A 40 -16.19 15.35 -2.62
CA GLN A 40 -15.62 14.25 -1.82
C GLN A 40 -16.01 12.90 -2.40
N GLU A 41 -17.24 12.70 -2.84
CA GLU A 41 -17.67 11.41 -3.37
C GLU A 41 -17.06 11.15 -4.74
N GLU A 42 -16.89 12.19 -5.56
CA GLU A 42 -16.19 12.05 -6.83
C GLU A 42 -14.75 11.59 -6.62
N GLU A 43 -14.06 12.20 -5.67
CA GLU A 43 -12.69 11.77 -5.39
C GLU A 43 -12.68 10.36 -4.80
N TRP A 44 -13.62 10.06 -3.90
CA TRP A 44 -13.68 8.73 -3.29
C TRP A 44 -13.96 7.66 -4.35
N GLU A 45 -14.80 7.96 -5.34
CA GLU A 45 -15.01 6.98 -6.43
C GLU A 45 -13.68 6.60 -7.08
N ARG A 46 -12.91 7.61 -7.49
CA ARG A 46 -11.62 7.35 -8.13
C ARG A 46 -10.62 6.73 -7.17
N ALA A 47 -10.75 7.01 -5.88
CA ALA A 47 -9.88 6.37 -4.89
C ALA A 47 -10.22 4.92 -4.65
N GLY A 48 -11.32 4.41 -5.20
CA GLY A 48 -11.79 3.08 -4.92
C GLY A 48 -12.55 2.93 -3.63
N LEU A 49 -12.82 4.03 -2.93
CA LEU A 49 -13.30 3.97 -1.56
C LEU A 49 -14.81 3.89 -1.45
N LEU A 50 -15.55 4.05 -2.56
CA LEU A 50 -16.98 3.80 -2.52
C LEU A 50 -17.34 2.34 -2.75
N ASP A 51 -16.43 1.56 -3.27
CA ASP A 51 -16.72 0.16 -3.52
C ASP A 51 -16.33 -0.65 -2.30
N PRO A 52 -17.25 -1.35 -1.65
CA PRO A 52 -16.88 -2.02 -0.41
C PRO A 52 -15.82 -3.10 -0.59
N ALA A 53 -15.77 -3.74 -1.77
CA ALA A 53 -14.74 -4.73 -1.97
C ALA A 53 -13.37 -4.06 -2.04
N TRP A 54 -13.28 -2.95 -2.76
CA TRP A 54 -12.02 -2.23 -2.81
C TRP A 54 -11.66 -1.63 -1.46
N GLU A 55 -12.64 -1.10 -0.71
CA GLU A 55 -12.37 -0.60 0.64
C GLU A 55 -11.81 -1.69 1.53
N LYS A 56 -12.41 -2.88 1.50
CA LYS A 56 -11.92 -4.01 2.28
C LYS A 56 -10.52 -4.42 1.85
N GLN A 57 -10.25 -4.46 0.54
CA GLN A 57 -8.90 -4.78 0.07
C GLN A 57 -7.90 -3.75 0.59
N GLN A 58 -8.26 -2.46 0.56
CA GLN A 58 -7.34 -1.45 1.05
C GLN A 58 -7.16 -1.56 2.56
N ARG A 59 -8.25 -1.81 3.31
CA ARG A 59 -8.15 -1.96 4.76
C ARG A 59 -7.18 -3.08 5.11
N LYS A 60 -7.32 -4.23 4.49
CA LYS A 60 -6.45 -5.37 4.80
C LYS A 60 -5.02 -5.14 4.35
N THR A 61 -4.84 -4.66 3.12
CA THR A 61 -3.49 -4.44 2.59
C THR A 61 -2.75 -3.34 3.34
N PHE A 62 -3.43 -2.21 3.56
CA PHE A 62 -2.80 -1.09 4.26
C PHE A 62 -2.42 -1.47 5.69
N THR A 63 -3.22 -2.32 6.35
CA THR A 63 -2.86 -2.74 7.70
C THR A 63 -1.53 -3.49 7.68
N VAL A 64 -1.38 -4.42 6.74
CA VAL A 64 -0.14 -5.19 6.69
C VAL A 64 1.02 -4.27 6.36
N TRP A 65 0.84 -3.35 5.41
CA TRP A 65 1.91 -2.41 5.08
C TRP A 65 2.30 -1.57 6.28
N CYS A 66 1.32 -1.03 7.00
CA CYS A 66 1.66 -0.25 8.19
C CYS A 66 2.45 -1.09 9.18
N ASN A 67 2.01 -2.32 9.40
CA ASN A 67 2.72 -3.19 10.33
C ASN A 67 4.09 -3.62 9.84
N SER A 68 4.35 -3.61 8.54
CA SER A 68 5.68 -3.93 8.02
C SER A 68 6.69 -2.86 8.39
N HIS A 69 6.21 -1.66 8.76
CA HIS A 69 7.05 -0.57 9.23
C HIS A 69 6.99 -0.41 10.74
N LEU A 70 5.79 -0.54 11.33
CA LEU A 70 5.67 -0.38 12.78
C LEU A 70 6.43 -1.48 13.53
N ARG A 71 6.60 -2.67 12.92
CA ARG A 71 7.41 -3.71 13.55
C ARG A 71 8.81 -3.21 13.89
N LYS A 72 9.37 -2.34 13.05
CA LYS A 72 10.71 -1.81 13.31
C LYS A 72 10.74 -0.97 14.57
N ALA A 73 9.59 -0.49 15.04
CA ALA A 73 9.47 0.20 16.33
C ALA A 73 8.75 -0.67 17.36
N ASP A 74 8.83 -1.99 17.20
CA ASP A 74 8.32 -2.94 18.18
C ASP A 74 6.86 -2.65 18.57
N THR A 75 6.02 -2.36 17.57
CA THR A 75 4.58 -2.30 17.82
C THR A 75 3.83 -2.62 16.53
N GLN A 76 2.49 -2.66 16.64
CA GLN A 76 1.63 -3.09 15.55
C GLN A 76 0.26 -2.44 15.73
N ILE A 77 -0.54 -2.44 14.66
CA ILE A 77 -1.96 -2.15 14.75
C ILE A 77 -2.73 -3.43 14.44
N GLU A 78 -4.00 -3.45 14.83
CA GLU A 78 -4.95 -4.53 14.60
C GLU A 78 -6.11 -4.10 13.72
N ASN A 79 -6.69 -2.93 13.99
CA ASN A 79 -7.87 -2.42 13.31
C ASN A 79 -7.52 -1.01 12.85
N ILE A 80 -7.34 -0.84 11.54
CA ILE A 80 -6.82 0.41 10.98
C ILE A 80 -7.80 1.56 11.17
N GLU A 81 -9.08 1.26 11.40
CA GLU A 81 -10.10 2.29 11.61
C GLU A 81 -10.29 2.61 13.08
N GLU A 82 -9.56 1.95 13.97
CA GLU A 82 -9.54 2.31 15.38
C GLU A 82 -8.16 2.73 15.88
N ASP A 83 -7.09 2.13 15.36
CA ASP A 83 -5.81 2.16 16.05
C ASP A 83 -4.94 3.36 15.69
N PHE A 84 -5.42 4.24 14.80
CA PHE A 84 -4.76 5.51 14.53
C PHE A 84 -5.54 6.68 15.11
N ARG A 85 -6.67 6.42 15.76
CA ARG A 85 -7.56 7.50 16.18
C ARG A 85 -6.89 8.47 17.15
N ASN A 86 -5.97 8.00 17.99
CA ASN A 86 -5.32 8.91 18.93
C ASN A 86 -4.01 9.50 18.41
N GLY A 87 -3.64 9.23 17.16
CA GLY A 87 -2.50 9.87 16.53
C GLY A 87 -1.15 9.28 16.84
N LEU A 88 -1.03 8.49 17.90
CA LEU A 88 0.29 8.07 18.38
C LEU A 88 0.99 7.16 17.37
N LYS A 89 0.33 6.10 16.92
CA LYS A 89 0.97 5.19 15.97
C LYS A 89 1.07 5.75 14.57
N LEU A 90 0.21 6.71 14.24
CA LEU A 90 0.39 7.48 13.03
C LEU A 90 1.68 8.27 13.05
N MET A 91 1.93 8.98 14.15
CA MET A 91 3.18 9.73 14.22
C MET A 91 4.38 8.78 14.17
N LEU A 92 4.29 7.65 14.85
CA LEU A 92 5.38 6.69 14.85
C LEU A 92 5.60 6.13 13.44
N LEU A 93 4.51 5.76 12.76
CA LEU A 93 4.64 5.28 11.38
C LEU A 93 5.43 6.27 10.53
N LEU A 94 5.11 7.55 10.67
CA LEU A 94 5.78 8.56 9.88
C LEU A 94 7.25 8.68 10.25
N GLU A 95 7.57 8.54 11.53
CA GLU A 95 8.99 8.57 11.91
C GLU A 95 9.75 7.39 11.31
N VAL A 96 9.17 6.20 11.36
CA VAL A 96 9.86 5.03 10.81
C VAL A 96 10.14 5.21 9.32
N ILE A 97 9.10 5.51 8.54
CA ILE A 97 9.29 5.50 7.09
C ILE A 97 10.09 6.70 6.60
N SER A 98 10.16 7.77 7.38
CA SER A 98 10.86 8.96 6.96
C SER A 98 12.27 9.04 7.52
N GLY A 99 12.53 8.39 8.63
CA GLY A 99 13.77 8.53 9.34
C GLY A 99 13.89 9.81 10.11
N GLU A 100 12.87 10.66 10.08
CA GLU A 100 12.89 11.92 10.81
C GLU A 100 12.16 11.77 12.14
N THR A 101 12.39 12.76 13.00
CA THR A 101 11.75 12.83 14.30
C THR A 101 10.60 13.83 14.23
N LEU A 102 9.44 13.42 14.72
CA LEU A 102 8.32 14.32 14.83
C LEU A 102 8.28 14.95 16.21
N PRO A 103 7.56 16.05 16.37
CA PRO A 103 7.42 16.65 17.70
C PRO A 103 6.94 15.64 18.72
N LYS A 104 7.16 15.93 19.98
CA LYS A 104 6.67 15.02 21.01
C LYS A 104 5.15 14.98 20.96
N PRO A 105 4.54 13.80 21.09
CA PRO A 105 3.09 13.72 21.11
C PRO A 105 2.53 14.07 22.48
N ASP A 106 1.31 14.57 22.46
CA ASP A 106 0.53 14.71 23.68
C ASP A 106 0.10 13.33 24.16
N ARG A 107 -0.28 13.26 25.44
CA ARG A 107 -1.16 12.17 25.85
C ARG A 107 -2.26 12.72 26.75
N GLY A 108 -3.33 11.95 26.83
CA GLY A 108 -4.47 12.27 27.68
C GLY A 108 -5.69 11.58 27.14
N LYS A 109 -6.65 11.29 28.01
CA LYS A 109 -7.91 10.74 27.56
C LYS A 109 -8.63 11.71 26.61
N MET A 110 -8.39 13.00 26.77
CA MET A 110 -9.34 13.95 26.17
C MET A 110 -9.04 14.14 24.68
N ARG A 111 -10.14 14.22 23.94
CA ARG A 111 -10.09 14.30 22.48
C ARG A 111 -9.08 15.34 21.98
N PHE A 112 -9.02 16.52 22.59
CA PHE A 112 -8.17 17.55 22.01
C PHE A 112 -6.71 17.10 21.94
N HIS A 113 -6.33 16.14 22.78
CA HIS A 113 -4.98 15.61 22.68
C HIS A 113 -4.81 14.76 21.43
N LYS A 114 -5.83 13.95 21.12
CA LYS A 114 -5.79 13.12 19.93
C LYS A 114 -5.79 13.97 18.67
N ILE A 115 -6.60 15.04 18.67
CA ILE A 115 -6.62 15.99 17.57
C ILE A 115 -5.24 16.59 17.36
N ALA A 116 -4.56 16.98 18.44
CA ALA A 116 -3.24 17.57 18.33
C ALA A 116 -2.26 16.58 17.71
N ASN A 117 -2.31 15.33 18.14
CA ASN A 117 -1.37 14.34 17.60
C ASN A 117 -1.63 14.08 16.13
N VAL A 118 -2.90 13.93 15.73
CA VAL A 118 -3.21 13.73 14.32
C VAL A 118 -2.78 14.96 13.52
N ASN A 119 -2.97 16.17 14.08
CA ASN A 119 -2.53 17.35 13.35
C ASN A 119 -1.02 17.40 13.22
N LYS A 120 -0.26 16.90 14.20
CA LYS A 120 1.19 16.81 14.02
C LYS A 120 1.55 15.89 12.85
N ALA A 121 0.87 14.75 12.76
CA ALA A 121 1.03 13.86 11.60
C ALA A 121 0.68 14.57 10.30
N LEU A 122 -0.48 15.23 10.26
CA LEU A 122 -0.90 15.86 9.01
C LEU A 122 0.04 16.99 8.62
N ASP A 123 0.51 17.75 9.61
CA ASP A 123 1.46 18.83 9.32
C ASP A 123 2.76 18.27 8.74
N PHE A 124 3.27 17.19 9.32
CA PHE A 124 4.48 16.58 8.80
C PHE A 124 4.29 16.15 7.35
N ILE A 125 3.17 15.46 7.06
CA ILE A 125 2.90 15.02 5.68
C ILE A 125 2.84 16.22 4.72
N ALA A 126 2.07 17.26 5.10
CA ALA A 126 1.93 18.42 4.23
C ALA A 126 3.27 19.09 4.00
N SER A 127 4.16 19.03 5.00
CA SER A 127 5.50 19.61 4.94
C SER A 127 6.40 18.93 3.92
N LYS A 128 6.01 17.73 3.47
CA LYS A 128 6.70 17.03 2.40
C LYS A 128 6.05 17.28 1.06
N ASP A 129 5.40 18.42 0.91
CA ASP A 129 4.80 18.89 -0.35
C ASP A 129 3.62 18.00 -0.77
N VAL A 130 2.70 17.80 0.16
CA VAL A 130 1.49 17.03 -0.07
C VAL A 130 0.30 17.94 0.15
N LYS A 131 -0.64 17.90 -0.79
CA LYS A 131 -1.87 18.69 -0.75
C LYS A 131 -2.94 17.88 -0.04
N LEU A 132 -3.20 18.14 1.24
CA LEU A 132 -4.25 17.37 1.96
C LEU A 132 -5.63 17.90 1.55
N VAL A 133 -6.11 17.46 0.39
CA VAL A 133 -7.43 17.88 -0.13
C VAL A 133 -8.54 17.27 0.77
N SER A 134 -9.07 18.03 1.71
CA SER A 134 -10.16 17.66 2.64
C SER A 134 -9.87 16.37 3.40
N ILE A 135 -8.88 16.41 4.28
CA ILE A 135 -8.53 15.39 5.30
C ILE A 135 -8.40 16.24 6.55
N GLY A 136 -9.21 16.05 7.56
CA GLY A 136 -9.18 16.85 8.79
C GLY A 136 -8.90 15.96 9.96
N ALA A 137 -8.27 16.48 11.00
CA ALA A 137 -7.94 15.65 12.14
C ALA A 137 -9.18 15.08 12.80
N GLU A 138 -10.29 15.82 12.76
CA GLU A 138 -11.50 15.38 13.45
C GLU A 138 -12.00 14.05 12.89
N GLU A 139 -12.02 13.90 11.57
CA GLU A 139 -12.53 12.66 11.00
C GLU A 139 -11.62 11.48 11.32
N ILE A 140 -10.30 11.73 11.41
CA ILE A 140 -9.37 10.66 11.77
C ILE A 140 -9.57 10.24 13.23
N VAL A 141 -9.66 11.22 14.14
CA VAL A 141 -9.94 10.89 15.54
C VAL A 141 -11.30 10.23 15.66
N ASP A 142 -12.25 10.60 14.80
CA ASP A 142 -13.57 9.97 14.75
C ASP A 142 -13.53 8.55 14.19
N GLY A 143 -12.44 8.18 13.53
CA GLY A 143 -12.36 6.88 12.92
C GLY A 143 -13.16 6.71 11.64
N ASN A 144 -13.35 7.79 10.87
CA ASN A 144 -14.06 7.70 9.61
C ASN A 144 -13.24 6.84 8.63
N ALA A 145 -13.83 5.76 8.17
CA ALA A 145 -13.11 4.72 7.42
C ALA A 145 -12.54 5.27 6.12
N LYS A 146 -13.38 5.92 5.31
CA LYS A 146 -12.89 6.42 4.03
C LYS A 146 -11.79 7.46 4.20
N MET A 147 -11.91 8.38 5.14
CA MET A 147 -10.88 9.41 5.33
C MET A 147 -9.61 8.74 5.84
N THR A 148 -9.73 7.77 6.73
CA THR A 148 -8.55 7.11 7.26
C THR A 148 -7.81 6.35 6.17
N LEU A 149 -8.54 5.59 5.35
CA LEU A 149 -7.87 4.88 4.26
C LEU A 149 -7.27 5.85 3.25
N GLY A 150 -7.99 6.95 2.98
CA GLY A 150 -7.43 7.97 2.09
C GLY A 150 -6.12 8.53 2.62
N LEU A 151 -6.08 8.81 3.93
CA LEU A 151 -4.86 9.32 4.54
C LEU A 151 -3.72 8.32 4.48
N ILE A 152 -3.98 7.05 4.81
CA ILE A 152 -2.91 6.06 4.71
C ILE A 152 -2.40 5.94 3.28
N TRP A 153 -3.31 5.98 2.28
CA TRP A 153 -2.84 5.96 0.91
C TRP A 153 -1.97 7.17 0.60
N THR A 154 -2.37 8.36 1.07
CA THR A 154 -1.55 9.54 0.85
C THR A 154 -0.13 9.32 1.37
N ILE A 155 -0.03 8.64 2.52
CA ILE A 155 1.26 8.36 3.13
C ILE A 155 2.04 7.35 2.29
N ILE A 156 1.40 6.24 1.90
CA ILE A 156 2.07 5.26 1.04
C ILE A 156 2.55 5.93 -0.24
N LEU A 157 1.68 6.69 -0.87
CA LEU A 157 2.06 7.35 -2.11
C LEU A 157 3.26 8.26 -1.90
N ARG A 158 3.20 9.16 -0.90
CA ARG A 158 4.29 10.12 -0.77
C ARG A 158 5.61 9.43 -0.44
N PHE A 159 5.60 8.47 0.46
CA PHE A 159 6.86 7.95 0.98
C PHE A 159 7.35 6.69 0.29
N ALA A 160 6.47 5.90 -0.32
CA ALA A 160 6.89 4.67 -0.99
C ALA A 160 6.85 4.73 -2.51
N ILE A 161 6.12 5.69 -3.09
CA ILE A 161 5.97 5.68 -4.54
C ILE A 161 6.40 6.95 -5.23
N GLN A 162 6.15 8.09 -4.61
CA GLN A 162 6.27 9.37 -5.31
C GLN A 162 7.66 9.60 -5.88
N ASP A 163 8.70 9.19 -5.17
CA ASP A 163 10.09 9.46 -5.59
C ASP A 163 10.62 8.40 -6.54
N ILE A 164 9.84 7.42 -6.93
CA ILE A 164 10.31 6.42 -7.89
C ILE A 164 10.56 7.12 -9.22
N GLU A 165 11.73 6.90 -9.82
CA GLU A 165 12.14 7.48 -11.10
C GLU A 165 12.63 6.32 -11.98
N VAL A 166 11.93 5.99 -13.05
CA VAL A 166 12.24 4.91 -13.97
C VAL A 166 12.20 5.52 -15.37
N GLU A 167 13.34 5.51 -16.06
CA GLU A 167 13.47 6.25 -17.31
C GLU A 167 12.91 7.65 -17.06
N ALA A 168 11.93 8.08 -17.84
CA ALA A 168 11.38 9.42 -17.67
C ALA A 168 10.07 9.45 -16.89
N SER A 169 9.64 8.31 -16.35
CA SER A 169 8.38 8.27 -15.62
C SER A 169 8.64 8.25 -14.12
N THR A 170 7.66 8.77 -13.38
CA THR A 170 7.77 9.00 -11.96
C THR A 170 6.53 8.50 -11.25
N ALA A 171 6.70 8.24 -9.96
CA ALA A 171 5.59 7.89 -9.08
C ALA A 171 4.85 6.68 -9.65
N LYS A 172 3.52 6.70 -9.71
CA LYS A 172 2.77 5.52 -10.12
C LYS A 172 3.14 5.08 -11.52
N GLU A 173 3.34 6.02 -12.45
CA GLU A 173 3.68 5.61 -13.81
C GLU A 173 5.08 5.02 -13.86
N GLY A 174 6.00 5.53 -13.05
CA GLY A 174 7.32 4.92 -12.97
C GLY A 174 7.28 3.51 -12.40
N LEU A 175 6.50 3.30 -11.34
CA LEU A 175 6.33 1.95 -10.79
C LEU A 175 5.77 1.01 -11.84
N LEU A 176 4.77 1.47 -12.61
CA LEU A 176 4.19 0.60 -13.63
C LEU A 176 5.21 0.31 -14.73
N LEU A 177 5.97 1.32 -15.15
CA LEU A 177 6.99 1.10 -16.15
C LEU A 177 8.04 0.09 -15.67
N TRP A 178 8.49 0.21 -14.43
CA TRP A 178 9.39 -0.80 -13.88
C TRP A 178 8.81 -2.19 -14.04
N CYS A 179 7.54 -2.36 -13.68
CA CYS A 179 6.93 -3.66 -13.79
C CYS A 179 6.90 -4.15 -15.24
N GLN A 180 6.61 -3.24 -16.17
CA GLN A 180 6.54 -3.60 -17.57
C GLN A 180 7.93 -4.00 -18.09
N ARG A 181 8.96 -3.27 -17.68
CA ARG A 181 10.31 -3.62 -18.13
C ARG A 181 10.78 -4.95 -17.55
N LYS A 182 10.56 -5.13 -16.26
CA LYS A 182 11.05 -6.34 -15.61
C LYS A 182 10.31 -7.56 -16.09
N THR A 183 9.04 -7.44 -16.51
CA THR A 183 8.28 -8.60 -16.99
C THR A 183 8.26 -8.71 -18.52
N SER A 184 9.01 -7.87 -19.23
CA SER A 184 8.91 -7.90 -20.68
C SER A 184 9.34 -9.22 -21.30
N PRO A 185 10.29 -9.97 -20.77
CA PRO A 185 10.66 -11.25 -21.41
C PRO A 185 9.60 -12.36 -21.28
N TYR A 186 8.63 -12.22 -20.40
CA TYR A 186 7.66 -13.29 -20.11
C TYR A 186 6.47 -13.19 -21.09
N LYS A 187 6.29 -14.20 -21.94
CA LYS A 187 5.26 -14.15 -22.98
C LYS A 187 3.86 -14.25 -22.41
N ASN A 188 3.70 -14.89 -21.24
CA ASN A 188 2.40 -14.99 -20.63
C ASN A 188 2.15 -13.94 -19.55
N VAL A 189 2.89 -12.83 -19.58
CA VAL A 189 2.63 -11.66 -18.74
C VAL A 189 2.44 -10.46 -19.65
N ASN A 190 1.45 -9.63 -19.32
CA ASN A 190 1.23 -8.43 -20.12
C ASN A 190 0.73 -7.38 -19.13
N VAL A 191 1.66 -6.61 -18.59
CA VAL A 191 1.30 -5.61 -17.58
C VAL A 191 0.83 -4.35 -18.26
N HIS A 192 -0.43 -3.99 -18.05
CA HIS A 192 -1.03 -2.79 -18.60
C HIS A 192 -1.55 -1.87 -17.51
N ASN A 193 -1.67 -2.35 -16.29
CA ASN A 193 -2.39 -1.66 -15.23
C ASN A 193 -2.00 -2.28 -13.90
N PHE A 194 -2.57 -1.74 -12.81
CA PHE A 194 -2.38 -2.27 -11.47
C PHE A 194 -3.64 -3.00 -10.97
N HIS A 195 -4.37 -3.64 -11.89
CA HIS A 195 -5.53 -4.41 -11.49
C HIS A 195 -5.52 -5.76 -12.23
N ASN A 196 -6.28 -5.91 -13.30
CA ASN A 196 -6.44 -7.25 -13.88
C ASN A 196 -5.14 -7.82 -14.46
N SER A 197 -4.12 -6.99 -14.71
CA SER A 197 -2.82 -7.52 -15.15
C SER A 197 -2.17 -8.41 -14.10
N TRP A 198 -2.61 -8.34 -12.86
CA TRP A 198 -1.99 -9.02 -11.70
C TRP A 198 -2.81 -10.19 -11.19
N LYS A 199 -3.97 -10.44 -11.81
CA LYS A 199 -4.94 -11.37 -11.25
C LYS A 199 -4.51 -12.82 -11.29
N ASP A 200 -3.79 -13.25 -12.33
CA ASP A 200 -3.46 -14.67 -12.44
C ASP A 200 -2.16 -15.04 -11.74
N GLY A 201 -1.53 -14.08 -11.06
CA GLY A 201 -0.35 -14.36 -10.26
C GLY A 201 0.93 -14.45 -11.05
N LEU A 202 0.87 -14.57 -12.37
CA LEU A 202 2.10 -14.76 -13.15
C LEU A 202 2.97 -13.52 -13.12
N ALA A 203 2.38 -12.32 -13.12
CA ALA A 203 3.22 -11.14 -13.12
C ALA A 203 4.00 -11.02 -11.81
N PHE A 204 3.37 -11.34 -10.67
CA PHE A 204 4.12 -11.32 -9.41
C PHE A 204 5.25 -12.33 -9.46
N CYS A 205 4.95 -13.54 -9.91
CA CYS A 205 5.98 -14.59 -9.96
C CYS A 205 7.10 -14.20 -10.90
N ALA A 206 6.78 -13.52 -12.02
CA ALA A 206 7.78 -13.05 -12.97
C ALA A 206 8.67 -11.97 -12.37
N LEU A 207 8.11 -11.03 -11.62
CA LEU A 207 8.95 -10.02 -10.97
C LEU A 207 10.00 -10.68 -10.08
N ILE A 208 9.59 -11.67 -9.31
CA ILE A 208 10.53 -12.36 -8.43
C ILE A 208 11.56 -13.11 -9.28
N HIS A 209 11.08 -13.88 -10.24
CA HIS A 209 11.93 -14.75 -11.09
C HIS A 209 12.97 -13.93 -11.83
N ARG A 210 12.62 -12.73 -12.25
CA ARG A 210 13.53 -11.85 -13.01
C ARG A 210 14.73 -11.47 -12.15
N HIS A 211 14.54 -11.31 -10.85
CA HIS A 211 15.62 -10.95 -9.91
C HIS A 211 16.30 -12.19 -9.31
N ARG A 212 15.54 -13.20 -8.93
CA ARG A 212 16.07 -14.38 -8.26
C ARG A 212 15.45 -15.60 -8.91
N PRO A 213 15.89 -16.08 -10.16
CA PRO A 213 15.40 -17.32 -11.13
C PRO A 213 15.46 -18.54 -10.22
N GLU A 214 16.31 -18.59 -9.16
CA GLU A 214 16.40 -19.83 -8.40
C GLU A 214 15.20 -20.06 -7.49
N LEU A 215 14.38 -19.04 -7.26
CA LEU A 215 13.28 -19.15 -6.31
C LEU A 215 11.96 -19.60 -6.93
N ILE A 216 11.82 -19.55 -8.25
CA ILE A 216 10.52 -19.77 -8.91
C ILE A 216 10.74 -20.67 -10.13
N ASP A 217 10.08 -21.83 -10.16
CA ASP A 217 10.02 -22.65 -11.38
C ASP A 217 8.96 -22.06 -12.30
N TYR A 218 9.35 -20.99 -13.02
CA TYR A 218 8.36 -20.19 -13.71
C TYR A 218 7.66 -20.98 -14.81
N ASN A 219 8.41 -21.81 -15.53
CA ASN A 219 7.79 -22.53 -16.66
C ASN A 219 6.72 -23.50 -16.21
N SER A 220 6.79 -23.99 -14.98
CA SER A 220 5.77 -24.92 -14.48
C SER A 220 4.43 -24.25 -14.26
N LEU A 221 4.38 -22.94 -14.24
CA LEU A 221 3.14 -22.22 -13.98
C LEU A 221 2.33 -22.03 -15.24
N THR A 222 1.01 -21.97 -15.06
CA THR A 222 0.11 -21.63 -16.14
C THR A 222 -1.05 -20.77 -15.62
N ARG A 223 -1.82 -20.22 -16.56
CA ARG A 223 -2.97 -19.41 -16.18
C ARG A 223 -4.10 -20.22 -15.58
N GLU A 224 -4.01 -21.53 -15.56
CA GLU A 224 -5.15 -22.32 -15.14
C GLU A 224 -5.33 -22.30 -13.63
N ASP A 225 -4.28 -22.09 -12.83
CA ASP A 225 -4.42 -22.08 -11.37
C ASP A 225 -3.91 -20.77 -10.79
N PRO A 226 -4.70 -19.72 -10.91
CA PRO A 226 -4.24 -18.42 -10.46
C PRO A 226 -4.00 -18.35 -8.96
N VAL A 227 -4.81 -19.02 -8.13
CA VAL A 227 -4.65 -18.94 -6.69
C VAL A 227 -3.32 -19.56 -6.30
N ARG A 228 -2.97 -20.68 -6.91
CA ARG A 228 -1.66 -21.28 -6.71
C ARG A 228 -0.53 -20.31 -7.06
N ASN A 229 -0.63 -19.63 -8.21
CA ASN A 229 0.43 -18.74 -8.63
C ASN A 229 0.54 -17.55 -7.70
N LEU A 230 -0.61 -16.99 -7.31
CA LEU A 230 -0.62 -15.86 -6.39
C LEU A 230 0.04 -16.23 -5.06
N ASN A 231 -0.43 -17.32 -4.46
CA ASN A 231 0.12 -17.77 -3.18
C ASN A 231 1.61 -18.14 -3.30
N LEU A 232 2.04 -18.66 -4.45
CA LEU A 232 3.47 -18.94 -4.63
C LEU A 232 4.27 -17.65 -4.52
N ALA A 233 3.87 -16.64 -5.26
CA ALA A 233 4.58 -15.37 -5.21
C ALA A 233 4.54 -14.78 -3.81
N PHE A 234 3.36 -14.82 -3.17
CA PHE A 234 3.25 -14.21 -1.85
C PHE A 234 4.11 -14.97 -0.83
N ASP A 235 4.09 -16.30 -0.89
CA ASP A 235 4.87 -17.11 0.04
C ASP A 235 6.37 -16.92 -0.20
N VAL A 236 6.79 -16.95 -1.47
CA VAL A 236 8.21 -16.77 -1.76
C VAL A 236 8.70 -15.39 -1.34
N ALA A 237 7.90 -14.36 -1.60
CA ALA A 237 8.32 -13.02 -1.22
C ALA A 237 8.39 -12.88 0.29
N GLU A 238 7.45 -13.48 1.01
CA GLU A 238 7.50 -13.38 2.47
C GLU A 238 8.71 -14.13 3.00
N LYS A 239 8.95 -15.33 2.49
CA LYS A 239 10.02 -16.17 3.02
C LYS A 239 11.39 -15.61 2.66
N HIS A 240 11.61 -15.30 1.40
CA HIS A 240 12.95 -14.96 0.94
C HIS A 240 13.25 -13.48 0.83
N LEU A 241 12.23 -12.61 0.70
CA LEU A 241 12.46 -11.19 0.45
C LEU A 241 11.99 -10.34 1.62
N ASN A 242 11.51 -10.97 2.68
CA ASN A 242 11.01 -10.28 3.87
C ASN A 242 9.88 -9.30 3.54
N ILE A 243 9.08 -9.60 2.53
CA ILE A 243 7.94 -8.77 2.15
C ILE A 243 6.70 -9.43 2.67
N PRO A 244 5.98 -8.85 3.64
CA PRO A 244 4.83 -9.54 4.24
C PRO A 244 3.72 -9.67 3.23
N LYS A 245 2.82 -10.62 3.50
CA LYS A 245 1.73 -10.97 2.57
C LYS A 245 0.61 -9.92 2.69
N MET A 246 0.78 -8.82 1.96
CA MET A 246 -0.18 -7.73 2.07
C MET A 246 -1.48 -8.02 1.33
N LEU A 247 -1.41 -8.88 0.31
CA LEU A 247 -2.56 -9.21 -0.54
C LEU A 247 -3.07 -10.60 -0.20
N ASP A 248 -4.39 -10.78 -0.32
CA ASP A 248 -5.08 -12.03 -0.05
C ASP A 248 -5.47 -12.61 -1.40
N ALA A 249 -4.95 -13.80 -1.72
CA ALA A 249 -5.21 -14.36 -3.04
C ALA A 249 -6.71 -14.56 -3.28
N GLU A 250 -7.48 -14.85 -2.21
CA GLU A 250 -8.91 -15.06 -2.38
C GLU A 250 -9.62 -13.77 -2.77
N ASP A 251 -9.18 -12.64 -2.24
CA ASP A 251 -9.78 -11.38 -2.64
C ASP A 251 -9.45 -11.06 -4.09
N ILE A 252 -8.24 -11.40 -4.54
CA ILE A 252 -7.87 -11.14 -5.92
C ILE A 252 -8.66 -12.06 -6.85
N LYS A 253 -8.81 -13.32 -6.45
CA LYS A 253 -9.47 -14.31 -7.31
C LYS A 253 -10.91 -13.91 -7.58
N THR A 254 -11.60 -13.38 -6.58
CA THR A 254 -13.03 -13.13 -6.72
C THR A 254 -13.32 -11.79 -7.35
N SER A 255 -12.30 -10.98 -7.60
CA SER A 255 -12.47 -9.65 -8.14
C SER A 255 -12.10 -9.68 -9.62
N LEU A 256 -13.01 -9.24 -10.48
CA LEU A 256 -12.64 -9.04 -11.89
C LEU A 256 -11.64 -7.89 -12.06
N LYS A 257 -11.67 -6.92 -11.15
CA LYS A 257 -10.81 -5.75 -11.24
C LYS A 257 -10.41 -5.44 -9.81
N PRO A 258 -9.32 -6.04 -9.33
CA PRO A 258 -8.88 -5.79 -7.94
C PRO A 258 -8.44 -4.35 -7.75
N ASP A 259 -8.35 -3.96 -6.47
CA ASP A 259 -8.07 -2.56 -6.13
C ASP A 259 -6.63 -2.21 -6.48
N GLU A 260 -6.48 -1.10 -7.22
CA GLU A 260 -5.18 -0.65 -7.69
C GLU A 260 -4.31 -0.16 -6.54
N ARG A 261 -4.87 0.55 -5.58
CA ARG A 261 -4.06 1.09 -4.49
C ARG A 261 -3.46 -0.03 -3.66
N ALA A 262 -4.26 -1.07 -3.38
CA ALA A 262 -3.74 -2.20 -2.62
C ALA A 262 -2.60 -2.88 -3.40
N ILE A 263 -2.80 -3.10 -4.72
CA ILE A 263 -1.76 -3.77 -5.50
C ILE A 263 -0.51 -2.89 -5.62
N MET A 264 -0.68 -1.58 -5.84
CA MET A 264 0.48 -0.68 -5.87
C MET A 264 1.23 -0.69 -4.55
N THR A 265 0.51 -0.72 -3.43
CA THR A 265 1.17 -0.75 -2.14
C THR A 265 2.12 -1.95 -2.05
N TYR A 266 1.63 -3.13 -2.40
CA TYR A 266 2.44 -4.34 -2.32
C TYR A 266 3.61 -4.29 -3.31
N ILE A 267 3.35 -3.88 -4.55
CA ILE A 267 4.42 -3.85 -5.54
C ILE A 267 5.46 -2.81 -5.17
N SER A 268 5.06 -1.72 -4.49
CA SER A 268 6.08 -0.75 -4.08
C SER A 268 7.14 -1.40 -3.19
N SER A 269 6.76 -2.41 -2.41
CA SER A 269 7.73 -3.08 -1.56
C SER A 269 8.64 -3.98 -2.37
N TYR A 270 8.12 -4.56 -3.46
CA TYR A 270 9.00 -5.27 -4.39
C TYR A 270 10.03 -4.30 -4.95
N TYR A 271 9.56 -3.14 -5.40
CA TYR A 271 10.46 -2.17 -6.03
C TYR A 271 11.59 -1.77 -5.08
N HIS A 272 11.24 -1.44 -3.85
CA HIS A 272 12.25 -0.94 -2.92
C HIS A 272 13.15 -2.03 -2.40
N THR A 273 12.75 -3.30 -2.54
CA THR A 273 13.63 -4.38 -2.16
C THR A 273 14.68 -4.64 -3.23
N PHE A 274 14.30 -4.52 -4.50
CA PHE A 274 15.19 -4.86 -5.60
C PHE A 274 15.90 -3.65 -6.21
N ALA A 275 15.48 -2.43 -5.89
CA ALA A 275 15.96 -1.25 -6.62
C ALA A 275 16.10 -0.01 -5.76
C ACY B . -8.16 -3.56 9.73
O ACY B . -7.03 -3.15 9.97
OXT ACY B . -9.22 -2.86 9.86
CH3 ACY B . -8.42 -4.94 9.12
H1 ACY B . -9.34 -5.20 9.27
H2 ACY B . -7.83 -5.60 9.51
H3 ACY B . -8.26 -4.92 8.17
C ACY C . -13.05 -9.20 -2.20
O ACY C . -12.59 -8.15 -1.79
OXT ACY C . -13.56 -10.11 -1.45
CH3 ACY C . -12.98 -9.61 -3.72
H1 ACY C . -12.83 -8.82 -4.27
H2 ACY C . -13.81 -10.03 -4.00
H3 ACY C . -12.25 -10.22 -3.87
C FMT D . 7.68 -17.08 -21.01
O1 FMT D . 8.09 -18.24 -20.87
O2 FMT D . 8.10 -16.34 -21.91
H FMT D . 6.95 -16.68 -20.31
HO2 FMT D . 8.72 -16.69 -22.59
C FMT E . -5.72 5.49 -7.54
O1 FMT E . -6.88 5.21 -7.21
O2 FMT E . -5.03 6.27 -6.87
H FMT E . -5.30 5.11 -8.47
HO2 FMT E . -5.46 6.84 -6.20
C FMT F . 9.06 6.67 -20.27
O1 FMT F . 7.95 7.12 -20.53
O2 FMT F . 9.62 6.93 -19.20
H FMT F . 9.59 6.06 -20.99
HO2 FMT F . 9.22 7.59 -18.60
C FMT G . -0.12 -14.42 -24.75
O1 FMT G . -0.68 -15.48 -24.44
O2 FMT G . 0.10 -13.53 -23.92
H FMT G . 0.31 -14.31 -25.74
HO2 FMT G . -0.33 -13.56 -23.05
C FMT H . 1.79 -20.80 -19.79
O1 FMT H . 0.89 -20.01 -19.51
O2 FMT H . 1.54 -21.98 -20.05
H FMT H . 2.84 -20.52 -19.70
HO2 FMT H . 0.62 -22.30 -20.07
#